data_6I3I
#
_entry.id   6I3I
#
_cell.length_a   80.140
_cell.length_b   80.140
_cell.length_c   117.130
_cell.angle_alpha   90.00
_cell.angle_beta   90.00
_cell.angle_gamma   90.00
#
_symmetry.space_group_name_H-M   'P 41'
#
loop_
_entity.id
_entity.type
_entity.pdbx_description
1 polymer Angiotensinogen
2 non-polymer 2-acetamido-2-deoxy-beta-D-glucopyranose
3 water water
#
_entity_poly.entity_id   1
_entity_poly.type   'polypeptide(L)'
_entity_poly.pdbx_seq_one_letter_code
;DRVYIHPFHLVIHNESTCEQLAKANAGKPKDPTFIPAPIQAKTSPVDEKALQDQLVLVAAKLDTEDKLRAAMVGMLANFL
GFRIYGMHSELWGVVHGATVLSPTAVFGTLASLYLGALDHTADRLQAILGVPWKDKQCTSRLDAHKVLSALQAVQGLLVA
QGRADSQAQLLLSTVVGVFTAPGLHLKQPFVQGLALYTPVVLPRSLDFTELDVAAEKIDRFMQAVTGWKTGSSLMGASVD
STLAFNTYVHFQGKMKGFSLLAEPQEFWVDQSTSVSVPMLSGMGTFQHWSDIQDQFSVTQVPFTESASLLLIQPHYASDL
DKVEGLTFQQNSLNWMKKLSPRTIHLTMPQLVLQGSYDLQDLLAQAELPAILHTELNLQKLSNDRIRVGEVLNSIFFELE
ADEREPTESTQQLNKPEVLEVTLNRPFLFAVYDQSATALHFLGRVANPLSTAHHHHHH
;
_entity_poly.pdbx_strand_id   A
#
# COMPACT_ATOMS: atom_id res chain seq x y z
N ASP A 1 3.97 -30.74 10.85
CA ASP A 1 4.77 -30.44 12.09
C ASP A 1 4.70 -28.94 12.37
N ARG A 2 5.15 -28.56 13.58
CA ARG A 2 5.22 -27.16 14.02
C ARG A 2 6.36 -26.45 13.28
N VAL A 3 6.21 -25.14 13.10
CA VAL A 3 7.12 -24.32 12.28
C VAL A 3 8.14 -23.63 13.19
N TYR A 4 9.41 -23.61 12.76
CA TYR A 4 10.51 -23.01 13.52
C TYR A 4 11.34 -22.05 12.66
N ILE A 5 11.55 -22.40 11.37
CA ILE A 5 12.42 -21.61 10.48
C ILE A 5 11.88 -20.18 10.31
N HIS A 6 10.56 -20.00 10.52
CA HIS A 6 9.96 -18.66 10.57
C HIS A 6 8.77 -18.67 11.52
N PRO A 7 8.42 -17.51 12.12
CA PRO A 7 7.26 -17.43 13.03
C PRO A 7 5.92 -17.07 12.37
N PHE A 8 5.77 -17.36 11.08
CA PHE A 8 4.58 -17.00 10.30
C PHE A 8 3.81 -18.27 9.89
N HIS A 9 3.31 -18.99 10.88
CA HIS A 9 2.70 -20.31 10.68
C HIS A 9 1.27 -20.19 10.11
N LEU A 10 0.63 -19.02 10.26
CA LEU A 10 -0.79 -18.85 9.91
C LEU A 10 -0.99 -18.50 8.43
N VAL A 11 0.10 -18.26 7.69
CA VAL A 11 0.01 -17.79 6.29
C VAL A 11 0.42 -18.91 5.32
N ILE A 12 0.80 -20.09 5.85
CA ILE A 12 1.21 -21.22 5.02
C ILE A 12 0.05 -22.23 4.98
N HIS A 13 0.09 -23.12 3.99
CA HIS A 13 -0.89 -24.21 3.85
C HIS A 13 -0.81 -25.13 5.07
N ASN A 14 -1.88 -25.92 5.28
CA ASN A 14 -1.92 -26.97 6.31
C ASN A 14 -2.37 -28.27 5.66
N GLU A 15 -2.33 -29.36 6.45
CA GLU A 15 -2.45 -30.75 5.98
C GLU A 15 -3.71 -30.93 5.12
N SER A 16 -4.86 -30.50 5.65
CA SER A 16 -6.16 -30.65 4.99
C SER A 16 -6.16 -29.91 3.65
N THR A 17 -5.68 -28.66 3.66
CA THR A 17 -5.62 -27.79 2.49
C THR A 17 -4.66 -28.37 1.44
N CYS A 18 -3.47 -28.77 1.89
CA CYS A 18 -2.38 -29.18 1.00
C CYS A 18 -2.67 -30.55 0.36
N GLU A 19 -2.04 -30.76 -0.80
CA GLU A 19 -1.95 -32.03 -1.50
C GLU A 19 -3.34 -32.52 -1.95
N GLN A 20 -4.27 -31.57 -2.14
CA GLN A 20 -5.57 -31.86 -2.75
C GLN A 20 -5.35 -32.01 -4.26
N LEU A 21 -5.76 -33.15 -4.81
CA LEU A 21 -5.54 -33.49 -6.21
C LEU A 21 -6.75 -34.25 -6.75
N LYS A 30 -8.89 -28.25 -17.38
CA LYS A 30 -9.93 -28.51 -16.38
C LYS A 30 -9.99 -27.33 -15.39
N ASP A 31 -9.78 -26.12 -15.92
CA ASP A 31 -9.91 -24.86 -15.19
C ASP A 31 -10.60 -23.85 -16.09
N PRO A 32 -11.85 -23.43 -15.79
CA PRO A 32 -12.57 -22.52 -16.67
C PRO A 32 -11.76 -21.23 -16.91
N THR A 33 -11.79 -20.74 -18.15
CA THR A 33 -11.12 -19.52 -18.54
C THR A 33 -12.12 -18.60 -19.25
N PHE A 34 -11.71 -17.35 -19.48
CA PHE A 34 -12.55 -16.36 -20.15
C PHE A 34 -11.67 -15.20 -20.63
N ILE A 35 -12.17 -14.46 -21.63
CA ILE A 35 -11.59 -13.21 -22.07
C ILE A 35 -12.38 -12.08 -21.40
N PRO A 36 -11.75 -11.26 -20.54
CA PRO A 36 -12.42 -10.08 -19.97
C PRO A 36 -13.01 -9.18 -21.06
N ALA A 37 -14.20 -8.62 -20.78
CA ALA A 37 -14.88 -7.70 -21.68
C ALA A 37 -13.93 -6.55 -22.05
N PRO A 38 -14.11 -5.90 -23.22
CA PRO A 38 -13.27 -4.76 -23.60
C PRO A 38 -13.40 -3.62 -22.57
N ILE A 39 -12.33 -2.84 -22.43
CA ILE A 39 -12.25 -1.78 -21.43
C ILE A 39 -13.30 -0.70 -21.72
N GLN A 40 -13.65 -0.53 -23.00
CA GLN A 40 -14.61 0.49 -23.43
C GLN A 40 -16.04 0.12 -23.00
N ALA A 41 -16.32 -1.19 -22.88
CA ALA A 41 -17.62 -1.68 -22.41
C ALA A 41 -17.95 -1.01 -21.07
N LYS A 42 -19.07 -0.28 -21.05
CA LYS A 42 -19.43 0.64 -19.96
C LYS A 42 -19.65 -0.16 -18.67
N THR A 43 -18.91 0.23 -17.62
CA THR A 43 -18.98 -0.38 -16.30
C THR A 43 -19.54 0.65 -15.31
N SER A 44 -20.23 0.15 -14.27
CA SER A 44 -20.76 0.99 -13.20
C SER A 44 -19.60 1.54 -12.37
N PRO A 45 -19.60 2.83 -11.99
CA PRO A 45 -18.56 3.38 -11.11
C PRO A 45 -18.61 2.73 -9.72
N VAL A 46 -17.47 2.70 -9.02
CA VAL A 46 -17.40 2.03 -7.72
C VAL A 46 -18.13 2.92 -6.71
N ASP A 47 -19.09 2.33 -5.99
CA ASP A 47 -19.77 2.96 -4.88
C ASP A 47 -18.89 2.78 -3.63
N GLU A 48 -18.09 3.82 -3.32
CA GLU A 48 -17.10 3.78 -2.26
C GLU A 48 -17.78 3.51 -0.90
N LYS A 49 -18.98 4.09 -0.72
CA LYS A 49 -19.73 4.00 0.53
C LYS A 49 -20.25 2.57 0.72
N ALA A 50 -20.61 1.91 -0.40
CA ALA A 50 -21.05 0.51 -0.40
C ALA A 50 -19.85 -0.42 -0.16
N LEU A 51 -18.68 -0.02 -0.65
CA LEU A 51 -17.43 -0.76 -0.45
C LEU A 51 -17.00 -0.67 1.01
N GLN A 52 -17.15 0.52 1.61
CA GLN A 52 -16.81 0.73 3.03
C GLN A 52 -17.75 -0.11 3.91
N ASP A 53 -18.99 -0.30 3.46
CA ASP A 53 -20.00 -1.12 4.14
C ASP A 53 -19.59 -2.61 4.07
N GLN A 54 -19.00 -3.03 2.94
CA GLN A 54 -18.56 -4.42 2.75
C GLN A 54 -17.36 -4.71 3.67
N LEU A 55 -16.46 -3.74 3.83
CA LEU A 55 -15.22 -3.92 4.57
C LEU A 55 -15.47 -4.02 6.08
N VAL A 56 -16.44 -3.25 6.59
CA VAL A 56 -16.84 -3.34 8.01
C VAL A 56 -17.45 -4.72 8.28
N LEU A 57 -18.13 -5.26 7.27
CA LEU A 57 -18.79 -6.56 7.37
C LEU A 57 -17.74 -7.67 7.47
N VAL A 58 -16.64 -7.51 6.71
CA VAL A 58 -15.50 -8.43 6.76
C VAL A 58 -14.90 -8.44 8.16
N ALA A 59 -14.68 -7.24 8.71
CA ALA A 59 -13.99 -7.04 10.00
C ALA A 59 -14.88 -7.51 11.16
N ALA A 60 -16.20 -7.32 11.02
CA ALA A 60 -17.16 -7.55 12.09
C ALA A 60 -17.47 -9.05 12.26
N LYS A 61 -16.89 -9.90 11.39
CA LYS A 61 -17.06 -11.35 11.50
C LYS A 61 -15.69 -12.05 11.41
N LEU A 62 -14.63 -11.36 11.86
CA LEU A 62 -13.30 -11.96 11.99
C LEU A 62 -13.21 -12.68 13.35
N ASP A 63 -12.93 -13.99 13.31
CA ASP A 63 -12.70 -14.77 14.52
C ASP A 63 -11.31 -14.40 15.06
N THR A 64 -10.94 -14.99 16.20
CA THR A 64 -9.69 -14.68 16.90
C THR A 64 -8.47 -15.05 16.05
N GLU A 65 -8.53 -16.23 15.41
CA GLU A 65 -7.44 -16.73 14.57
C GLU A 65 -7.23 -15.78 13.38
N ASP A 66 -8.34 -15.39 12.73
CA ASP A 66 -8.34 -14.50 11.56
C ASP A 66 -7.72 -13.14 11.94
N LYS A 67 -7.94 -12.73 13.19
CA LYS A 67 -7.45 -11.47 13.73
C LYS A 67 -5.92 -11.51 13.87
N LEU A 68 -5.38 -12.66 14.30
CA LEU A 68 -3.93 -12.87 14.47
C LEU A 68 -3.24 -12.91 13.10
N ARG A 69 -3.91 -13.52 12.12
CA ARG A 69 -3.39 -13.63 10.75
C ARG A 69 -3.27 -12.23 10.13
N ALA A 70 -4.26 -11.37 10.40
CA ALA A 70 -4.27 -9.99 9.91
C ALA A 70 -3.04 -9.24 10.43
N ALA A 71 -2.73 -9.44 11.71
CA ALA A 71 -1.59 -8.79 12.37
C ALA A 71 -0.27 -9.34 11.83
N MET A 72 -0.28 -10.61 11.43
CA MET A 72 0.90 -11.32 10.94
C MET A 72 1.33 -10.76 9.57
N VAL A 73 0.36 -10.62 8.65
CA VAL A 73 0.63 -10.11 7.30
C VAL A 73 0.93 -8.61 7.37
N GLY A 74 0.39 -7.94 8.39
CA GLY A 74 0.77 -6.56 8.71
C GLY A 74 2.26 -6.44 8.97
N MET A 75 2.78 -7.38 9.76
CA MET A 75 4.19 -7.44 10.14
C MET A 75 5.06 -7.72 8.91
N LEU A 76 4.63 -8.67 8.08
CA LEU A 76 5.34 -9.08 6.87
C LEU A 76 5.41 -7.90 5.88
N ALA A 77 4.28 -7.20 5.73
CA ALA A 77 4.18 -6.03 4.85
C ALA A 77 5.17 -4.95 5.33
N ASN A 78 5.19 -4.72 6.64
CA ASN A 78 6.08 -3.75 7.28
C ASN A 78 7.54 -4.08 6.94
N PHE A 79 7.92 -5.35 7.15
CA PHE A 79 9.30 -5.82 6.97
C PHE A 79 9.73 -5.62 5.50
N LEU A 80 8.85 -5.96 4.56
CA LEU A 80 9.11 -5.76 3.13
C LEU A 80 9.33 -4.27 2.85
N GLY A 81 8.49 -3.42 3.47
CA GLY A 81 8.59 -1.97 3.35
C GLY A 81 9.97 -1.47 3.73
N PHE A 82 10.53 -2.02 4.80
CA PHE A 82 11.84 -1.62 5.31
C PHE A 82 12.96 -2.16 4.42
N ARG A 83 12.76 -3.38 3.88
CA ARG A 83 13.69 -3.97 2.92
C ARG A 83 13.79 -3.08 1.68
N ILE A 84 12.63 -2.57 1.22
CA ILE A 84 12.53 -1.78 0.00
C ILE A 84 13.31 -0.47 0.14
N TYR A 85 13.35 0.10 1.35
CA TYR A 85 14.13 1.31 1.59
C TYR A 85 15.62 0.98 1.65
N GLY A 86 15.97 -0.16 2.27
CA GLY A 86 17.35 -0.56 2.53
C GLY A 86 18.12 -0.90 1.25
N MET A 87 17.41 -1.16 0.14
CA MET A 87 18.02 -1.64 -1.10
C MET A 87 18.14 -0.52 -2.15
N HIS A 88 17.67 0.70 -1.82
CA HIS A 88 17.66 1.82 -2.76
C HIS A 88 18.57 2.95 -2.27
N SER A 89 19.37 3.50 -3.20
CA SER A 89 20.21 4.68 -2.96
C SER A 89 19.31 5.92 -2.85
N GLU A 90 18.50 6.14 -3.89
CA GLU A 90 17.44 7.15 -3.90
C GLU A 90 16.13 6.46 -4.29
N LEU A 91 15.41 5.97 -3.26
CA LEU A 91 14.13 5.28 -3.40
C LEU A 91 13.13 6.13 -4.19
N TRP A 92 13.05 7.42 -3.82
CA TRP A 92 12.01 8.33 -4.28
C TRP A 92 12.22 8.77 -5.73
N GLY A 93 13.39 8.44 -6.30
CA GLY A 93 13.65 8.64 -7.72
C GLY A 93 12.76 7.78 -8.61
N VAL A 94 12.28 6.66 -8.05
CA VAL A 94 11.44 5.70 -8.75
C VAL A 94 9.99 6.17 -8.76
N VAL A 95 9.56 6.79 -7.66
CA VAL A 95 8.16 7.17 -7.44
C VAL A 95 7.83 8.42 -8.26
N HIS A 96 6.87 8.27 -9.19
CA HIS A 96 6.32 9.38 -9.97
C HIS A 96 5.24 10.09 -9.15
N GLY A 97 5.28 11.43 -9.13
CA GLY A 97 4.36 12.24 -8.35
C GLY A 97 4.79 12.33 -6.88
N ALA A 98 3.79 12.39 -5.99
CA ALA A 98 4.02 12.55 -4.56
C ALA A 98 4.79 11.35 -4.02
N THR A 99 5.72 11.63 -3.09
CA THR A 99 6.60 10.63 -2.51
C THR A 99 5.87 9.92 -1.36
N VAL A 100 4.95 9.01 -1.73
CA VAL A 100 4.20 8.20 -0.79
C VAL A 100 4.31 6.73 -1.24
N LEU A 101 4.24 5.82 -0.26
CA LEU A 101 4.39 4.39 -0.48
C LEU A 101 3.36 3.66 0.40
N SER A 102 3.01 2.43 0.01
CA SER A 102 2.06 1.59 0.74
C SER A 102 2.61 0.18 0.87
N PRO A 103 3.23 -0.18 2.03
CA PRO A 103 3.70 -1.54 2.27
C PRO A 103 2.60 -2.62 2.10
N THR A 104 1.38 -2.30 2.53
CA THR A 104 0.24 -3.22 2.44
C THR A 104 -0.11 -3.50 0.98
N ALA A 105 -0.14 -2.45 0.16
CA ALA A 105 -0.47 -2.55 -1.26
C ALA A 105 0.61 -3.36 -2.00
N VAL A 106 1.89 -3.01 -1.74
CA VAL A 106 3.03 -3.65 -2.39
C VAL A 106 3.02 -5.16 -2.08
N PHE A 107 2.71 -5.49 -0.82
CA PHE A 107 2.64 -6.87 -0.36
C PHE A 107 1.48 -7.60 -1.06
N GLY A 108 0.35 -6.91 -1.20
CA GLY A 108 -0.84 -7.44 -1.85
C GLY A 108 -0.63 -7.69 -3.34
N THR A 109 0.18 -6.83 -3.97
CA THR A 109 0.48 -6.92 -5.39
C THR A 109 1.38 -8.13 -5.65
N LEU A 110 2.42 -8.30 -4.84
CA LEU A 110 3.32 -9.45 -4.92
C LEU A 110 2.55 -10.74 -4.62
N ALA A 111 1.68 -10.69 -3.60
CA ALA A 111 0.87 -11.83 -3.18
C ALA A 111 -0.12 -12.23 -4.30
N SER A 112 -0.56 -11.25 -5.08
CA SER A 112 -1.46 -11.47 -6.20
C SER A 112 -0.72 -12.14 -7.37
N LEU A 113 0.54 -11.77 -7.57
CA LEU A 113 1.40 -12.41 -8.57
C LEU A 113 1.70 -13.86 -8.12
N TYR A 114 2.03 -14.02 -6.84
CA TYR A 114 2.29 -15.34 -6.25
C TYR A 114 1.06 -16.25 -6.44
N LEU A 115 -0.14 -15.67 -6.29
CA LEU A 115 -1.40 -16.39 -6.44
C LEU A 115 -1.42 -17.17 -7.76
N GLY A 116 -0.89 -16.56 -8.82
CA GLY A 116 -0.89 -17.16 -10.15
C GLY A 116 0.46 -17.68 -10.59
N ALA A 117 1.35 -17.99 -9.64
CA ALA A 117 2.74 -18.40 -9.93
C ALA A 117 2.95 -19.88 -9.58
N LEU A 118 3.97 -20.48 -10.20
CA LEU A 118 4.34 -21.89 -10.03
C LEU A 118 5.85 -22.05 -10.13
N ASP A 119 6.36 -23.15 -9.55
CA ASP A 119 7.75 -23.59 -9.68
C ASP A 119 8.69 -22.51 -9.13
N HIS A 120 9.67 -22.09 -9.95
CA HIS A 120 10.76 -21.22 -9.50
C HIS A 120 10.26 -19.78 -9.32
N THR A 121 9.25 -19.41 -10.12
CA THR A 121 8.62 -18.08 -10.03
C THR A 121 7.94 -17.93 -8.66
N ALA A 122 7.20 -18.98 -8.25
CA ALA A 122 6.48 -19.01 -6.97
C ALA A 122 7.48 -18.95 -5.81
N ASP A 123 8.54 -19.76 -5.90
CA ASP A 123 9.58 -19.84 -4.88
C ASP A 123 10.22 -18.46 -4.68
N ARG A 124 10.58 -17.80 -5.78
CA ARG A 124 11.28 -16.52 -5.75
C ARG A 124 10.36 -15.42 -5.21
N LEU A 125 9.06 -15.47 -5.57
CA LEU A 125 8.08 -14.51 -5.08
C LEU A 125 7.84 -14.70 -3.58
N GLN A 126 7.77 -15.97 -3.14
CA GLN A 126 7.60 -16.30 -1.73
C GLN A 126 8.84 -15.85 -0.93
N ALA A 127 10.01 -15.88 -1.58
CA ALA A 127 11.26 -15.44 -0.97
C ALA A 127 11.24 -13.92 -0.71
N ILE A 128 10.73 -13.15 -1.68
CA ILE A 128 10.66 -11.68 -1.59
C ILE A 128 9.66 -11.27 -0.51
N LEU A 129 8.55 -12.02 -0.40
CA LEU A 129 7.52 -11.77 0.62
C LEU A 129 8.10 -12.01 2.03
N GLY A 130 9.12 -12.88 2.10
CA GLY A 130 9.99 -13.01 3.27
C GLY A 130 9.57 -14.13 4.21
N VAL A 131 9.12 -15.25 3.64
CA VAL A 131 8.75 -16.44 4.41
C VAL A 131 9.39 -17.66 3.75
N PRO A 132 10.50 -18.20 4.31
CA PRO A 132 11.22 -19.30 3.69
C PRO A 132 10.55 -20.67 3.91
N TRP A 133 11.17 -21.72 3.36
CA TRP A 133 10.69 -23.09 3.46
C TRP A 133 11.88 -24.03 3.76
N LYS A 134 11.64 -25.03 4.60
CA LYS A 134 12.70 -25.93 5.08
C LYS A 134 12.75 -27.19 4.21
N ASP A 135 11.76 -27.37 3.33
CA ASP A 135 11.70 -28.50 2.39
C ASP A 135 10.76 -28.13 1.23
N LYS A 136 10.79 -28.95 0.17
CA LYS A 136 9.95 -28.74 -1.01
C LYS A 136 8.62 -29.48 -0.84
N GLN A 137 8.14 -29.58 0.40
CA GLN A 137 6.80 -30.07 0.69
C GLN A 137 5.79 -28.96 0.39
N CYS A 138 4.51 -29.35 0.32
CA CYS A 138 3.40 -28.45 0.04
C CYS A 138 3.12 -27.56 1.25
N THR A 139 3.31 -28.13 2.46
CA THR A 139 2.91 -27.50 3.72
C THR A 139 3.86 -26.35 4.11
N SER A 140 5.01 -26.24 3.43
CA SER A 140 5.99 -25.19 3.70
C SER A 140 5.70 -23.93 2.85
N ARG A 141 4.86 -24.08 1.81
CA ARG A 141 4.56 -23.01 0.85
C ARG A 141 3.52 -22.06 1.43
N LEU A 142 3.44 -20.85 0.84
CA LEU A 142 2.50 -19.80 1.24
C LEU A 142 1.10 -20.16 0.76
N ASP A 143 0.09 -19.85 1.60
CA ASP A 143 -1.32 -19.97 1.24
C ASP A 143 -1.81 -18.59 0.80
N ALA A 144 -1.72 -18.33 -0.51
CA ALA A 144 -2.07 -17.04 -1.11
C ALA A 144 -3.47 -16.60 -0.67
N HIS A 145 -4.41 -17.55 -0.64
CA HIS A 145 -5.81 -17.32 -0.24
C HIS A 145 -5.86 -16.70 1.17
N LYS A 146 -5.10 -17.28 2.09
CA LYS A 146 -5.06 -16.83 3.48
C LYS A 146 -4.36 -15.46 3.56
N VAL A 147 -3.33 -15.25 2.72
CA VAL A 147 -2.59 -14.00 2.68
C VAL A 147 -3.48 -12.88 2.14
N LEU A 148 -4.18 -13.14 1.02
CA LEU A 148 -4.98 -12.13 0.32
C LEU A 148 -6.20 -11.75 1.16
N SER A 149 -6.84 -12.73 1.80
CA SER A 149 -7.99 -12.48 2.68
C SER A 149 -7.53 -11.73 3.94
N ALA A 150 -6.35 -12.06 4.45
CA ALA A 150 -5.78 -11.44 5.65
C ALA A 150 -5.46 -9.96 5.39
N LEU A 151 -5.14 -9.61 4.14
CA LEU A 151 -4.85 -8.22 3.76
C LEU A 151 -6.14 -7.40 3.69
N GLN A 152 -7.26 -8.05 3.30
CA GLN A 152 -8.58 -7.41 3.30
C GLN A 152 -9.06 -7.22 4.73
N ALA A 153 -8.60 -8.09 5.64
CA ALA A 153 -8.91 -7.98 7.06
C ALA A 153 -8.34 -6.68 7.64
N VAL A 154 -7.10 -6.33 7.27
CA VAL A 154 -6.41 -5.17 7.85
C VAL A 154 -7.05 -3.89 7.30
N GLN A 155 -7.55 -3.96 6.06
CA GLN A 155 -8.35 -2.89 5.46
C GLN A 155 -9.65 -2.74 6.27
N GLY A 156 -10.34 -3.87 6.49
CA GLY A 156 -11.57 -3.93 7.25
C GLY A 156 -11.40 -3.37 8.65
N LEU A 157 -10.36 -3.84 9.35
CA LEU A 157 -10.08 -3.45 10.74
C LEU A 157 -9.90 -1.93 10.84
N LEU A 158 -9.26 -1.32 9.84
CA LEU A 158 -8.98 0.11 9.83
C LEU A 158 -10.28 0.91 9.67
N VAL A 159 -11.13 0.50 8.72
CA VAL A 159 -12.35 1.24 8.37
C VAL A 159 -13.43 1.04 9.43
N ALA A 160 -13.39 -0.11 10.12
CA ALA A 160 -14.34 -0.45 11.18
C ALA A 160 -14.09 0.44 12.41
N GLN A 161 -12.82 0.73 12.70
CA GLN A 161 -12.43 1.65 13.78
C GLN A 161 -13.05 3.04 13.53
N GLY A 162 -13.06 3.45 12.27
CA GLY A 162 -13.61 4.74 11.84
C GLY A 162 -15.09 4.88 12.14
N ARG A 163 -15.84 3.78 11.96
CA ARG A 163 -17.27 3.75 12.21
C ARG A 163 -17.55 3.75 13.72
N ALA A 164 -16.82 2.90 14.45
CA ALA A 164 -16.96 2.73 15.91
C ALA A 164 -16.70 4.06 16.62
N ASP A 165 -15.72 4.81 16.11
CA ASP A 165 -15.37 6.13 16.63
C ASP A 165 -16.36 7.15 16.03
N SER A 166 -17.15 7.79 16.90
CA SER A 166 -18.18 8.76 16.49
C SER A 166 -17.53 10.01 15.89
N GLN A 167 -16.35 10.38 16.41
CA GLN A 167 -15.62 11.58 15.97
C GLN A 167 -14.93 11.32 14.62
N ALA A 168 -14.21 10.21 14.52
CA ALA A 168 -13.33 9.93 13.38
C ALA A 168 -14.13 9.53 12.14
N GLN A 169 -13.49 9.69 10.97
CA GLN A 169 -14.02 9.22 9.69
C GLN A 169 -12.84 8.75 8.82
N LEU A 170 -12.58 7.44 8.84
CA LEU A 170 -11.54 6.80 8.03
C LEU A 170 -12.19 6.22 6.76
N LEU A 171 -11.46 6.30 5.65
CA LEU A 171 -11.90 5.78 4.35
C LEU A 171 -10.69 5.22 3.60
N LEU A 172 -10.75 3.92 3.27
CA LEU A 172 -9.72 3.23 2.51
C LEU A 172 -10.37 2.39 1.40
N SER A 173 -10.15 2.80 0.15
CA SER A 173 -10.60 2.06 -1.03
C SER A 173 -9.38 1.48 -1.76
N THR A 174 -9.51 0.21 -2.18
CA THR A 174 -8.50 -0.50 -2.96
C THR A 174 -9.18 -1.18 -4.15
N VAL A 175 -8.79 -0.81 -5.38
CA VAL A 175 -9.35 -1.42 -6.57
C VAL A 175 -8.19 -1.91 -7.45
N VAL A 176 -8.38 -3.09 -8.05
CA VAL A 176 -7.37 -3.74 -8.87
C VAL A 176 -7.85 -3.77 -10.31
N GLY A 177 -7.00 -3.28 -11.22
CA GLY A 177 -7.24 -3.32 -12.66
C GLY A 177 -6.31 -4.30 -13.34
N VAL A 178 -6.86 -5.44 -13.78
CA VAL A 178 -6.13 -6.45 -14.55
C VAL A 178 -6.45 -6.23 -16.03
N PHE A 179 -5.49 -5.65 -16.76
CA PHE A 179 -5.67 -5.33 -18.18
C PHE A 179 -4.84 -6.32 -19.02
N THR A 180 -5.53 -7.07 -19.89
CA THR A 180 -4.94 -8.15 -20.67
C THR A 180 -4.96 -7.80 -22.17
N ALA A 181 -4.15 -8.52 -22.94
CA ALA A 181 -4.16 -8.43 -24.40
C ALA A 181 -5.41 -9.12 -24.94
N PRO A 182 -5.95 -8.70 -26.12
CA PRO A 182 -7.12 -9.33 -26.70
C PRO A 182 -6.83 -10.80 -27.06
N GLY A 183 -7.70 -11.71 -26.60
CA GLY A 183 -7.55 -13.14 -26.84
C GLY A 183 -6.89 -13.88 -25.70
N LEU A 184 -6.24 -13.14 -24.78
CA LEU A 184 -5.60 -13.72 -23.60
C LEU A 184 -6.70 -14.22 -22.65
N HIS A 185 -6.70 -15.54 -22.40
CA HIS A 185 -7.66 -16.21 -21.55
C HIS A 185 -7.17 -16.21 -20.10
N LEU A 186 -7.88 -15.50 -19.21
CA LEU A 186 -7.64 -15.54 -17.77
C LEU A 186 -8.27 -16.80 -17.17
N LYS A 187 -7.62 -17.36 -16.15
CA LYS A 187 -8.13 -18.52 -15.43
C LYS A 187 -9.09 -18.03 -14.34
N GLN A 188 -10.23 -18.71 -14.20
CA GLN A 188 -11.31 -18.34 -13.31
C GLN A 188 -10.82 -18.33 -11.86
N PRO A 189 -10.14 -19.39 -11.36
CA PRO A 189 -9.70 -19.46 -9.97
C PRO A 189 -8.71 -18.36 -9.55
N PHE A 190 -8.01 -17.75 -10.52
CA PHE A 190 -7.10 -16.64 -10.27
C PHE A 190 -7.90 -15.39 -9.89
N VAL A 191 -8.95 -15.10 -10.67
CA VAL A 191 -9.84 -13.97 -10.43
C VAL A 191 -10.59 -14.18 -9.10
N GLN A 192 -10.94 -15.44 -8.82
CA GLN A 192 -11.63 -15.84 -7.60
C GLN A 192 -10.73 -15.54 -6.39
N GLY A 193 -9.41 -15.65 -6.59
CA GLY A 193 -8.40 -15.38 -5.55
C GLY A 193 -8.22 -13.89 -5.28
N LEU A 194 -8.22 -13.07 -6.33
CA LEU A 194 -8.09 -11.61 -6.21
C LEU A 194 -9.26 -11.03 -5.41
N ALA A 195 -10.44 -11.65 -5.55
CA ALA A 195 -11.67 -11.21 -4.90
C ALA A 195 -11.55 -11.29 -3.38
N LEU A 196 -10.62 -12.11 -2.88
CA LEU A 196 -10.33 -12.24 -1.44
C LEU A 196 -9.61 -10.97 -0.95
N TYR A 197 -8.79 -10.37 -1.82
CA TYR A 197 -7.97 -9.19 -1.48
C TYR A 197 -8.84 -7.92 -1.45
N THR A 198 -9.76 -7.79 -2.42
CA THR A 198 -10.63 -6.62 -2.52
C THR A 198 -11.87 -6.95 -3.33
N PRO A 199 -13.05 -6.37 -3.00
CA PRO A 199 -14.29 -6.65 -3.76
C PRO A 199 -14.29 -6.03 -5.16
N VAL A 200 -13.49 -4.98 -5.38
CA VAL A 200 -13.43 -4.27 -6.66
C VAL A 200 -12.22 -4.77 -7.44
N VAL A 201 -12.45 -5.75 -8.32
CA VAL A 201 -11.48 -6.25 -9.30
C VAL A 201 -12.06 -6.01 -10.70
N LEU A 202 -11.28 -5.37 -11.58
CA LEU A 202 -11.73 -4.95 -12.90
C LEU A 202 -10.86 -5.56 -13.99
N PRO A 203 -11.03 -6.86 -14.31
CA PRO A 203 -10.35 -7.47 -15.46
C PRO A 203 -11.02 -6.99 -16.76
N ARG A 204 -10.24 -6.37 -17.65
CA ARG A 204 -10.72 -5.89 -18.95
C ARG A 204 -9.63 -6.11 -20.00
N SER A 205 -10.05 -6.48 -21.22
CA SER A 205 -9.14 -6.69 -22.36
C SER A 205 -8.81 -5.34 -23.02
N LEU A 206 -7.58 -5.23 -23.55
CA LEU A 206 -7.01 -3.97 -24.00
C LEU A 206 -5.87 -4.25 -25.00
N ASP A 207 -5.91 -3.55 -26.14
CA ASP A 207 -4.89 -3.66 -27.18
C ASP A 207 -3.64 -2.86 -26.75
N PHE A 208 -2.49 -3.53 -26.73
CA PHE A 208 -1.22 -2.96 -26.25
C PHE A 208 -0.30 -2.57 -27.42
N THR A 209 -0.76 -2.79 -28.66
CA THR A 209 0.05 -2.51 -29.85
C THR A 209 0.25 -1.00 -30.00
N GLU A 210 -0.68 -0.21 -29.45
CA GLU A 210 -0.58 1.25 -29.37
C GLU A 210 -0.58 1.66 -27.89
N LEU A 211 0.62 1.73 -27.30
CA LEU A 211 0.82 2.01 -25.88
C LEU A 211 0.32 3.43 -25.55
N ASP A 212 0.53 4.36 -26.48
CA ASP A 212 0.18 5.77 -26.30
C ASP A 212 -1.33 5.89 -26.09
N VAL A 213 -2.11 5.12 -26.86
CA VAL A 213 -3.57 5.11 -26.79
C VAL A 213 -4.03 4.21 -25.62
N ALA A 214 -3.35 3.07 -25.46
CA ALA A 214 -3.65 2.10 -24.41
C ALA A 214 -3.61 2.77 -23.03
N ALA A 215 -2.62 3.64 -22.81
CA ALA A 215 -2.46 4.38 -21.56
C ALA A 215 -3.68 5.28 -21.33
N GLU A 216 -4.13 5.97 -22.38
CA GLU A 216 -5.28 6.89 -22.32
C GLU A 216 -6.55 6.11 -22.01
N LYS A 217 -6.69 4.91 -22.58
CA LYS A 217 -7.84 4.04 -22.33
C LYS A 217 -7.95 3.70 -20.85
N ILE A 218 -6.81 3.32 -20.25
CA ILE A 218 -6.72 2.94 -18.83
C ILE A 218 -7.04 4.17 -17.97
N ASP A 219 -6.33 5.27 -18.21
CA ASP A 219 -6.45 6.50 -17.42
C ASP A 219 -7.91 6.98 -17.41
N ARG A 220 -8.55 6.97 -18.59
CA ARG A 220 -9.94 7.41 -18.75
C ARG A 220 -10.89 6.42 -18.06
N PHE A 221 -10.65 5.13 -18.26
CA PHE A 221 -11.45 4.06 -17.66
C PHE A 221 -11.39 4.14 -16.13
N MET A 222 -10.16 4.24 -15.60
CA MET A 222 -9.91 4.26 -14.16
C MET A 222 -10.48 5.55 -13.55
N GLN A 223 -10.31 6.68 -14.25
CA GLN A 223 -10.81 7.97 -13.76
C GLN A 223 -12.34 7.98 -13.74
N ALA A 224 -12.96 7.37 -14.76
CA ALA A 224 -14.40 7.30 -14.89
C ALA A 224 -14.99 6.44 -13.76
N VAL A 225 -14.37 5.29 -13.51
CA VAL A 225 -14.91 4.27 -12.60
C VAL A 225 -14.67 4.68 -11.14
N THR A 226 -13.51 5.28 -10.85
CA THR A 226 -13.13 5.65 -9.48
C THR A 226 -13.51 7.11 -9.18
N GLY A 227 -13.07 8.03 -10.04
CA GLY A 227 -13.20 9.46 -9.82
C GLY A 227 -11.89 10.10 -9.36
N TRP A 228 -10.84 9.27 -9.23
CA TRP A 228 -9.49 9.71 -8.86
C TRP A 228 -8.68 9.94 -10.13
N LYS A 229 -7.59 10.70 -10.00
CA LYS A 229 -6.63 10.91 -11.09
C LYS A 229 -5.43 9.99 -10.86
N THR A 230 -4.77 9.58 -11.95
CA THR A 230 -3.64 8.65 -11.91
C THR A 230 -2.50 9.20 -12.78
N GLY A 231 -2.72 9.25 -14.10
CA GLY A 231 -1.73 9.72 -15.07
C GLY A 231 -0.51 8.82 -15.14
N SER A 232 -0.76 7.53 -15.34
CA SER A 232 0.30 6.52 -15.51
C SER A 232 0.34 6.07 -16.97
N SER A 233 1.42 6.45 -17.66
CA SER A 233 1.55 6.31 -19.11
C SER A 233 2.31 5.02 -19.49
N LEU A 234 2.29 4.02 -18.60
CA LEU A 234 2.93 2.72 -18.84
C LEU A 234 4.35 2.97 -19.38
N MET A 235 5.15 3.70 -18.59
CA MET A 235 6.43 4.25 -19.02
C MET A 235 7.37 3.14 -19.53
N GLY A 236 7.36 1.99 -18.84
CA GLY A 236 8.27 0.89 -19.14
C GLY A 236 7.59 -0.27 -19.86
N ALA A 237 6.49 0.01 -20.57
CA ALA A 237 5.74 -1.00 -21.30
C ALA A 237 6.30 -1.14 -22.73
N SER A 238 6.15 -2.33 -23.31
CA SER A 238 6.54 -2.63 -24.68
C SER A 238 5.32 -3.13 -25.48
N VAL A 239 5.51 -3.30 -26.79
CA VAL A 239 4.43 -3.70 -27.71
C VAL A 239 4.06 -5.17 -27.46
N ASP A 240 5.03 -5.97 -26.97
CA ASP A 240 4.86 -7.39 -26.73
C ASP A 240 4.15 -7.65 -25.39
N SER A 241 3.92 -6.58 -24.62
CA SER A 241 3.23 -6.65 -23.32
C SER A 241 1.80 -7.17 -23.51
N THR A 242 1.41 -8.14 -22.68
CA THR A 242 0.08 -8.75 -22.73
C THR A 242 -0.63 -8.70 -21.38
N LEU A 243 -0.06 -7.97 -20.40
CA LEU A 243 -0.66 -7.88 -19.06
C LEU A 243 -0.15 -6.61 -18.35
N ALA A 244 -1.08 -5.89 -17.74
CA ALA A 244 -0.81 -4.77 -16.83
C ALA A 244 -1.62 -4.95 -15.55
N PHE A 245 -0.93 -5.26 -14.45
CA PHE A 245 -1.55 -5.48 -13.15
C PHE A 245 -1.40 -4.21 -12.31
N ASN A 246 -2.49 -3.47 -12.14
CA ASN A 246 -2.48 -2.16 -11.49
C ASN A 246 -3.35 -2.20 -10.23
N THR A 247 -2.81 -1.64 -9.14
CA THR A 247 -3.50 -1.47 -7.86
C THR A 247 -3.66 0.02 -7.57
N TYR A 248 -4.92 0.46 -7.38
CA TYR A 248 -5.25 1.86 -7.10
C TYR A 248 -5.87 1.93 -5.70
N VAL A 249 -5.21 2.67 -4.80
CA VAL A 249 -5.65 2.79 -3.42
C VAL A 249 -5.89 4.27 -3.11
N HIS A 250 -7.02 4.55 -2.45
CA HIS A 250 -7.44 5.86 -2.02
C HIS A 250 -7.57 5.85 -0.49
N PHE A 251 -7.00 6.87 0.16
CA PHE A 251 -7.12 7.05 1.61
C PHE A 251 -7.60 8.47 1.91
N GLN A 252 -8.51 8.57 2.89
CA GLN A 252 -9.06 9.84 3.35
C GLN A 252 -9.31 9.73 4.86
N GLY A 253 -8.50 10.44 5.65
CA GLY A 253 -8.56 10.42 7.11
C GLY A 253 -8.85 11.81 7.67
N LYS A 254 -9.91 11.89 8.49
CA LYS A 254 -10.32 13.13 9.14
C LYS A 254 -9.46 13.37 10.38
N MET A 255 -8.97 14.61 10.53
CA MET A 255 -8.13 15.03 11.63
C MET A 255 -9.02 15.55 12.77
N LYS A 256 -8.92 14.89 13.93
CA LYS A 256 -9.76 15.18 15.10
C LYS A 256 -9.43 16.58 15.64
N GLY A 257 -10.35 17.52 15.45
CA GLY A 257 -10.26 18.86 16.02
C GLY A 257 -9.21 19.71 15.33
N PHE A 258 -9.10 19.56 14.02
CA PHE A 258 -8.25 20.39 13.17
C PHE A 258 -9.13 21.23 12.24
N SER A 259 -8.69 22.47 11.98
CA SER A 259 -9.36 23.37 11.05
C SER A 259 -8.38 23.83 9.96
N LEU A 260 -8.88 24.01 8.75
CA LEU A 260 -8.13 24.55 7.63
C LEU A 260 -8.06 26.07 7.78
N LEU A 261 -6.87 26.59 8.08
CA LEU A 261 -6.66 28.03 8.28
C LEU A 261 -6.87 28.75 6.94
N ALA A 262 -7.63 29.84 6.97
CA ALA A 262 -8.01 30.59 5.77
C ALA A 262 -6.75 31.18 5.11
N GLU A 263 -5.86 31.78 5.92
CA GLU A 263 -4.60 32.35 5.45
C GLU A 263 -3.55 31.24 5.34
N PRO A 264 -2.82 31.14 4.21
CA PRO A 264 -1.71 30.18 4.10
C PRO A 264 -0.50 30.56 4.96
N GLN A 265 0.47 29.63 5.03
CA GLN A 265 1.77 29.87 5.66
C GLN A 265 2.88 29.39 4.72
N GLU A 266 4.11 29.86 4.98
CA GLU A 266 5.26 29.53 4.16
C GLU A 266 5.79 28.14 4.56
N PHE A 267 6.03 27.31 3.55
CA PHE A 267 6.67 26.01 3.71
C PHE A 267 8.06 26.06 3.08
N TRP A 268 9.09 25.79 3.88
CA TRP A 268 10.49 25.98 3.52
C TRP A 268 11.09 24.68 2.96
N VAL A 269 11.06 24.56 1.62
CA VAL A 269 11.58 23.39 0.92
C VAL A 269 13.12 23.41 0.97
N ASP A 270 13.68 24.62 1.00
CA ASP A 270 15.12 24.87 1.08
C ASP A 270 15.41 25.82 2.24
N GLN A 271 16.69 26.08 2.47
CA GLN A 271 17.16 27.15 3.36
C GLN A 271 16.76 28.52 2.78
N SER A 272 16.82 28.65 1.45
CA SER A 272 16.64 29.92 0.73
C SER A 272 15.18 30.10 0.28
N THR A 273 14.52 29.00 -0.11
CA THR A 273 13.26 29.02 -0.86
C THR A 273 12.10 28.61 0.06
N SER A 274 10.97 29.32 -0.09
CA SER A 274 9.71 28.98 0.59
C SER A 274 8.58 28.89 -0.46
N VAL A 275 7.45 28.30 -0.04
CA VAL A 275 6.28 28.12 -0.88
C VAL A 275 5.03 28.31 -0.01
N SER A 276 4.03 29.02 -0.56
CA SER A 276 2.76 29.28 0.10
C SER A 276 1.86 28.04 0.00
N VAL A 277 1.40 27.55 1.16
CA VAL A 277 0.67 26.28 1.25
C VAL A 277 -0.49 26.46 2.24
N PRO A 278 -1.69 25.88 1.96
CA PRO A 278 -2.77 25.84 2.96
C PRO A 278 -2.42 24.89 4.10
N MET A 279 -2.68 25.32 5.34
CA MET A 279 -2.23 24.63 6.55
C MET A 279 -3.44 24.21 7.40
N LEU A 280 -3.31 23.03 8.03
CA LEU A 280 -4.21 22.58 9.09
C LEU A 280 -3.62 22.98 10.44
N SER A 281 -4.49 23.30 11.40
CA SER A 281 -4.09 23.69 12.75
C SER A 281 -5.04 23.04 13.77
N GLY A 282 -4.49 22.57 14.89
CA GLY A 282 -5.26 21.86 15.91
C GLY A 282 -4.57 21.83 17.27
N MET A 283 -5.38 21.94 18.32
CA MET A 283 -4.96 21.78 19.71
C MET A 283 -5.26 20.34 20.14
N GLY A 284 -4.63 19.89 21.23
CA GLY A 284 -4.94 18.60 21.84
C GLY A 284 -3.76 18.00 22.57
N THR A 285 -4.04 16.92 23.31
CA THR A 285 -3.03 16.11 23.97
C THR A 285 -2.63 14.97 23.02
N PHE A 286 -1.38 15.00 22.55
CA PHE A 286 -0.85 14.05 21.59
C PHE A 286 0.38 13.35 22.19
N GLN A 287 0.73 12.20 21.62
CA GLN A 287 1.93 11.46 21.99
C GLN A 287 3.13 12.07 21.26
N HIS A 288 4.21 12.31 22.02
CA HIS A 288 5.40 13.00 21.54
C HIS A 288 6.66 12.42 22.18
N TRP A 289 7.78 12.50 21.46
CA TRP A 289 9.08 12.07 21.95
C TRP A 289 10.21 12.73 21.12
N SER A 290 11.24 13.21 21.83
CA SER A 290 12.45 13.74 21.21
C SER A 290 13.60 12.74 21.38
N ASP A 291 14.22 12.37 20.24
CA ASP A 291 15.42 11.55 20.22
C ASP A 291 16.63 12.49 20.14
N ILE A 292 17.36 12.63 21.25
CA ILE A 292 18.42 13.63 21.39
C ILE A 292 19.69 13.11 20.68
N GLN A 293 19.87 11.78 20.69
CA GLN A 293 21.04 11.14 20.10
C GLN A 293 20.99 11.28 18.57
N ASP A 294 19.87 10.85 17.98
CA ASP A 294 19.67 10.77 16.53
C ASP A 294 19.12 12.11 15.99
N GLN A 295 18.53 12.91 16.88
CA GLN A 295 18.13 14.31 16.61
C GLN A 295 16.93 14.34 15.65
N PHE A 296 15.76 13.97 16.18
CA PHE A 296 14.47 14.13 15.52
C PHE A 296 13.36 14.05 16.57
N SER A 297 12.18 14.57 16.21
CA SER A 297 10.98 14.53 17.06
C SER A 297 9.86 13.79 16.33
N VAL A 298 9.18 12.89 17.06
CA VAL A 298 8.02 12.15 16.57
C VAL A 298 6.78 12.68 17.27
N THR A 299 5.73 12.96 16.50
CA THR A 299 4.43 13.41 17.01
C THR A 299 3.33 12.54 16.41
N GLN A 300 2.49 11.99 17.29
CA GLN A 300 1.40 11.09 16.92
C GLN A 300 0.06 11.81 17.11
N VAL A 301 -0.77 11.82 16.07
CA VAL A 301 -2.14 12.35 16.16
C VAL A 301 -3.09 11.20 15.83
N PRO A 302 -3.96 10.78 16.78
CA PRO A 302 -4.86 9.64 16.55
C PRO A 302 -5.99 9.96 15.56
N PHE A 303 -6.23 9.02 14.63
CA PHE A 303 -7.47 8.94 13.88
C PHE A 303 -8.52 8.23 14.76
N THR A 304 -8.08 7.12 15.37
CA THR A 304 -8.86 6.34 16.33
C THR A 304 -7.94 5.95 17.49
N GLU A 305 -8.41 5.05 18.36
CA GLU A 305 -7.65 4.62 19.54
C GLU A 305 -6.38 3.86 19.12
N SER A 306 -6.48 3.07 18.04
CA SER A 306 -5.41 2.16 17.62
C SER A 306 -4.80 2.55 16.27
N ALA A 307 -5.43 3.49 15.54
CA ALA A 307 -4.91 3.99 14.26
C ALA A 307 -4.51 5.47 14.42
N SER A 308 -3.30 5.81 13.98
CA SER A 308 -2.72 7.14 14.18
C SER A 308 -1.89 7.57 12.97
N LEU A 309 -1.61 8.87 12.90
CA LEU A 309 -0.67 9.47 11.96
C LEU A 309 0.60 9.86 12.72
N LEU A 310 1.72 9.21 12.39
CA LEU A 310 3.02 9.52 12.95
C LEU A 310 3.70 10.59 12.09
N LEU A 311 4.24 11.62 12.74
CA LEU A 311 4.92 12.74 12.08
C LEU A 311 6.33 12.87 12.64
N ILE A 312 7.32 12.50 11.81
CA ILE A 312 8.73 12.55 12.18
C ILE A 312 9.35 13.80 11.53
N GLN A 313 9.73 14.77 12.37
CA GLN A 313 10.47 15.96 11.94
C GLN A 313 11.90 15.87 12.47
N PRO A 314 12.93 15.99 11.60
CA PRO A 314 14.32 16.10 12.07
C PRO A 314 14.57 17.47 12.72
N HIS A 315 15.46 17.50 13.72
CA HIS A 315 15.81 18.74 14.43
C HIS A 315 16.55 19.71 13.49
N TYR A 316 17.28 19.15 12.52
CA TYR A 316 18.00 19.92 11.51
C TYR A 316 17.59 19.42 10.11
N ALA A 317 17.36 20.37 9.19
CA ALA A 317 16.80 20.09 7.86
C ALA A 317 17.74 19.20 7.04
N SER A 318 19.05 19.33 7.27
CA SER A 318 20.09 18.61 6.51
C SER A 318 20.12 17.12 6.87
N ASP A 319 19.48 16.75 8.00
CA ASP A 319 19.52 15.38 8.52
C ASP A 319 18.29 14.58 8.05
N LEU A 320 17.51 15.12 7.10
CA LEU A 320 16.26 14.46 6.66
C LEU A 320 16.56 13.04 6.19
N ASP A 321 17.49 12.93 5.22
CA ASP A 321 17.85 11.65 4.60
C ASP A 321 18.42 10.69 5.67
N LYS A 322 19.22 11.24 6.60
CA LYS A 322 19.82 10.48 7.69
C LYS A 322 18.73 9.94 8.62
N VAL A 323 17.77 10.81 8.97
CA VAL A 323 16.68 10.48 9.89
C VAL A 323 15.70 9.51 9.20
N GLU A 324 15.57 9.63 7.88
CA GLU A 324 14.73 8.74 7.08
C GLU A 324 15.26 7.31 7.15
N GLY A 325 16.59 7.17 7.21
CA GLY A 325 17.27 5.88 7.37
C GLY A 325 16.95 5.21 8.70
N LEU A 326 16.69 6.03 9.73
CA LEU A 326 16.36 5.56 11.07
C LEU A 326 14.85 5.29 11.19
N THR A 327 14.05 5.96 10.37
CA THR A 327 12.60 5.79 10.34
C THR A 327 12.24 4.45 9.68
N PHE A 328 12.91 4.12 8.57
CA PHE A 328 12.55 2.97 7.74
C PHE A 328 13.45 1.78 8.11
N GLN A 329 13.18 1.21 9.30
CA GLN A 329 13.81 -0.01 9.78
C GLN A 329 12.93 -0.61 10.89
N GLN A 330 13.31 -1.78 11.39
CA GLN A 330 12.51 -2.55 12.37
C GLN A 330 12.45 -1.80 13.71
N ASN A 331 13.49 -1.02 14.00
CA ASN A 331 13.61 -0.23 15.23
C ASN A 331 12.46 0.78 15.38
N SER A 332 11.99 1.32 14.25
CA SER A 332 10.98 2.40 14.24
C SER A 332 9.73 2.02 15.07
N LEU A 333 9.39 0.73 15.11
CA LEU A 333 8.20 0.24 15.80
C LEU A 333 8.50 0.01 17.29
N ASN A 334 9.75 0.20 17.71
CA ASN A 334 10.15 0.14 19.12
C ASN A 334 9.85 1.48 19.81
N TRP A 335 10.02 2.60 19.08
CA TRP A 335 9.88 3.93 19.67
C TRP A 335 8.41 4.38 19.74
N MET A 336 7.49 3.48 19.36
CA MET A 336 6.05 3.67 19.61
C MET A 336 5.81 3.69 21.12
N LYS A 337 6.69 3.00 21.87
CA LYS A 337 6.60 2.84 23.33
C LYS A 337 7.19 4.08 24.02
N LYS A 338 8.20 4.69 23.39
CA LYS A 338 8.95 5.84 23.96
C LYS A 338 8.12 7.13 23.89
N LEU A 339 7.00 7.11 23.17
CA LEU A 339 6.06 8.24 23.14
C LEU A 339 5.41 8.44 24.51
N SER A 340 5.14 9.70 24.85
CA SER A 340 4.43 10.08 26.08
C SER A 340 3.55 11.29 25.80
N PRO A 341 2.46 11.51 26.57
CA PRO A 341 1.52 12.60 26.29
C PRO A 341 2.12 14.00 26.45
N ARG A 342 1.76 14.91 25.54
CA ARG A 342 2.13 16.31 25.57
C ARG A 342 0.99 17.16 25.00
N THR A 343 0.71 18.30 25.64
CA THR A 343 -0.26 19.28 25.15
C THR A 343 0.40 20.09 24.03
N ILE A 344 -0.12 19.95 22.80
CA ILE A 344 0.56 20.41 21.59
C ILE A 344 -0.42 21.20 20.70
N HIS A 345 0.10 22.29 20.12
CA HIS A 345 -0.54 23.03 19.03
C HIS A 345 0.19 22.69 17.73
N LEU A 346 -0.34 21.72 16.98
CA LEU A 346 0.26 21.26 15.74
C LEU A 346 -0.25 22.11 14.57
N THR A 347 0.69 22.51 13.70
CA THR A 347 0.41 23.14 12.42
C THR A 347 1.16 22.37 11.34
N MET A 348 0.43 21.80 10.37
CA MET A 348 1.03 21.04 9.29
C MET A 348 0.29 21.31 7.99
N PRO A 349 0.91 21.04 6.82
CA PRO A 349 0.26 21.25 5.53
C PRO A 349 -0.95 20.32 5.33
N GLN A 350 -1.96 20.82 4.62
CA GLN A 350 -3.05 20.02 4.09
C GLN A 350 -2.47 19.11 3.00
N LEU A 351 -2.46 17.80 3.26
CA LEU A 351 -1.88 16.83 2.34
C LEU A 351 -2.98 16.27 1.42
N VAL A 352 -2.88 16.57 0.13
CA VAL A 352 -3.68 15.95 -0.92
C VAL A 352 -2.72 15.47 -2.00
N LEU A 353 -2.27 14.21 -1.85
CA LEU A 353 -1.12 13.67 -2.58
C LEU A 353 -1.57 12.55 -3.52
N GLN A 354 -1.06 12.57 -4.75
CA GLN A 354 -1.18 11.46 -5.70
C GLN A 354 0.23 11.07 -6.18
N GLY A 355 0.55 9.80 -6.00
CA GLY A 355 1.81 9.21 -6.45
C GLY A 355 1.60 7.81 -7.00
N SER A 356 2.53 7.38 -7.86
CA SER A 356 2.50 6.05 -8.45
C SER A 356 3.93 5.56 -8.69
N TYR A 357 4.08 4.23 -8.72
CA TYR A 357 5.36 3.57 -8.90
C TYR A 357 5.12 2.15 -9.45
N ASP A 358 6.12 1.63 -10.18
CA ASP A 358 6.14 0.25 -10.62
C ASP A 358 6.97 -0.56 -9.63
N LEU A 359 6.46 -1.74 -9.26
CA LEU A 359 7.15 -2.64 -8.33
C LEU A 359 8.46 -3.14 -8.95
N GLN A 360 8.44 -3.33 -10.27
CA GLN A 360 9.61 -3.78 -11.04
C GLN A 360 10.81 -2.88 -10.75
N ASP A 361 10.56 -1.58 -10.56
CA ASP A 361 11.58 -0.60 -10.23
C ASP A 361 11.91 -0.66 -8.73
N LEU A 362 10.87 -0.65 -7.88
CA LEU A 362 11.03 -0.69 -6.41
C LEU A 362 11.90 -1.88 -6.00
N LEU A 363 11.62 -3.04 -6.60
CA LEU A 363 12.25 -4.30 -6.22
C LEU A 363 13.21 -4.76 -7.33
N ALA A 364 14.01 -3.82 -7.83
CA ALA A 364 15.00 -4.08 -8.88
C ALA A 364 16.20 -4.83 -8.28
N GLN A 365 16.53 -4.53 -7.02
CA GLN A 365 17.70 -5.09 -6.33
C GLN A 365 17.35 -6.44 -5.69
N ALA A 366 16.07 -6.83 -5.72
CA ALA A 366 15.62 -8.17 -5.36
C ALA A 366 15.31 -8.98 -6.64
N GLU A 367 15.70 -8.42 -7.79
CA GLU A 367 15.66 -9.06 -9.11
C GLU A 367 14.22 -9.49 -9.44
N LEU A 368 13.26 -8.60 -9.18
CA LEU A 368 11.85 -8.83 -9.53
C LEU A 368 11.69 -8.79 -11.04
N PRO A 369 12.37 -7.88 -11.78
CA PRO A 369 12.30 -7.88 -13.24
C PRO A 369 12.70 -9.24 -13.85
N ALA A 370 13.78 -9.83 -13.33
CA ALA A 370 14.29 -11.14 -13.77
C ALA A 370 13.23 -12.23 -13.54
N ILE A 371 12.52 -12.16 -12.40
CA ILE A 371 11.49 -13.14 -12.05
C ILE A 371 10.33 -13.03 -13.05
N LEU A 372 10.00 -11.81 -13.46
CA LEU A 372 8.79 -11.52 -14.24
C LEU A 372 9.07 -11.56 -15.76
N HIS A 373 10.32 -11.80 -16.15
CA HIS A 373 10.71 -11.75 -17.58
C HIS A 373 11.47 -13.01 -18.01
N THR A 374 12.28 -13.61 -17.13
CA THR A 374 13.06 -14.82 -17.46
C THR A 374 12.41 -16.05 -16.80
N GLU A 375 12.16 -17.09 -17.61
CA GLU A 375 11.61 -18.38 -17.18
C GLU A 375 10.36 -18.16 -16.31
N LEU A 376 9.45 -17.31 -16.80
CA LEU A 376 8.23 -16.95 -16.11
C LEU A 376 7.25 -18.13 -16.17
N ASN A 377 6.63 -18.44 -15.03
CA ASN A 377 5.66 -19.52 -14.91
C ASN A 377 4.44 -19.00 -14.14
N LEU A 378 3.55 -18.28 -14.85
CA LEU A 378 2.31 -17.77 -14.30
C LEU A 378 1.13 -18.50 -14.96
N GLN A 379 1.17 -19.83 -14.92
CA GLN A 379 0.20 -20.68 -15.61
C GLN A 379 -1.11 -20.76 -14.81
N LYS A 380 -1.04 -20.45 -13.51
CA LYS A 380 -2.24 -20.39 -12.66
C LYS A 380 -3.05 -19.14 -13.00
N LEU A 381 -2.39 -18.12 -13.57
CA LEU A 381 -3.04 -16.90 -14.05
C LEU A 381 -3.63 -17.15 -15.45
N SER A 382 -2.80 -17.65 -16.37
CA SER A 382 -3.19 -17.90 -17.76
C SER A 382 -2.16 -18.82 -18.43
N ASN A 383 -2.64 -19.61 -19.41
CA ASN A 383 -1.79 -20.52 -20.18
C ASN A 383 -1.27 -19.81 -21.44
N ASP A 384 -1.87 -18.67 -21.80
CA ASP A 384 -1.40 -17.85 -22.92
C ASP A 384 -0.05 -17.22 -22.54
N ARG A 385 0.55 -16.50 -23.50
CA ARG A 385 1.83 -15.84 -23.30
C ARG A 385 1.63 -14.59 -22.43
N ILE A 386 2.16 -14.63 -21.20
CA ILE A 386 2.13 -13.49 -20.28
C ILE A 386 3.46 -12.76 -20.36
N ARG A 387 3.42 -11.50 -20.81
CA ARG A 387 4.57 -10.59 -20.76
C ARG A 387 4.11 -9.29 -20.10
N VAL A 388 4.73 -8.96 -18.95
CA VAL A 388 4.23 -7.94 -18.04
C VAL A 388 4.71 -6.57 -18.51
N GLY A 389 3.73 -5.68 -18.80
CA GLY A 389 3.98 -4.31 -19.22
C GLY A 389 4.30 -3.41 -18.03
N GLU A 390 3.40 -3.40 -17.04
CA GLU A 390 3.59 -2.66 -15.80
C GLU A 390 2.91 -3.39 -14.65
N VAL A 391 3.52 -3.28 -13.46
CA VAL A 391 2.91 -3.69 -12.20
C VAL A 391 2.83 -2.44 -11.30
N LEU A 392 1.73 -1.70 -11.43
CA LEU A 392 1.60 -0.34 -10.93
C LEU A 392 0.91 -0.33 -9.55
N ASN A 393 1.35 0.59 -8.69
CA ASN A 393 0.70 0.93 -7.45
C ASN A 393 0.44 2.45 -7.45
N SER A 394 -0.82 2.84 -7.65
CA SER A 394 -1.22 4.24 -7.62
C SER A 394 -1.85 4.56 -6.26
N ILE A 395 -1.41 5.67 -5.65
CA ILE A 395 -1.83 6.06 -4.29
C ILE A 395 -2.44 7.46 -4.35
N PHE A 396 -3.64 7.60 -3.76
CA PHE A 396 -4.31 8.88 -3.56
C PHE A 396 -4.56 9.05 -2.06
N PHE A 397 -3.87 10.03 -1.46
CA PHE A 397 -3.76 10.17 -0.01
C PHE A 397 -4.22 11.58 0.40
N GLU A 398 -5.26 11.65 1.23
CA GLU A 398 -5.88 12.91 1.66
C GLU A 398 -5.93 13.01 3.18
N LEU A 399 -5.58 14.19 3.71
CA LEU A 399 -5.85 14.58 5.09
C LEU A 399 -6.79 15.79 5.08
N GLU A 400 -7.99 15.60 5.59
CA GLU A 400 -9.01 16.65 5.61
C GLU A 400 -9.23 17.14 7.04
N ALA A 401 -9.71 18.39 7.16
CA ALA A 401 -10.05 19.00 8.43
C ALA A 401 -11.38 18.41 8.95
N ASP A 402 -11.80 18.87 10.13
CA ASP A 402 -13.02 18.39 10.79
C ASP A 402 -14.23 18.95 10.04
N GLU A 417 4.14 24.50 29.19
CA GLU A 417 2.70 24.30 29.27
C GLU A 417 2.20 23.70 27.96
N VAL A 418 2.41 24.42 26.86
CA VAL A 418 1.97 24.04 25.51
C VAL A 418 3.19 24.06 24.58
N LEU A 419 3.36 22.98 23.81
CA LEU A 419 4.48 22.80 22.89
C LEU A 419 4.03 23.11 21.46
N GLU A 420 4.71 24.07 20.82
CA GLU A 420 4.40 24.50 19.46
C GLU A 420 5.18 23.63 18.46
N VAL A 421 4.47 22.68 17.84
CA VAL A 421 4.99 21.88 16.74
C VAL A 421 4.49 22.50 15.43
N THR A 422 5.43 22.79 14.51
CA THR A 422 5.12 23.41 13.22
C THR A 422 5.88 22.66 12.12
N LEU A 423 5.14 22.08 11.17
CA LEU A 423 5.72 21.38 10.02
C LEU A 423 5.71 22.33 8.81
N ASN A 424 6.53 23.38 8.89
CA ASN A 424 6.70 24.35 7.81
C ASN A 424 8.02 24.06 7.07
N ARG A 425 8.53 22.83 7.21
CA ARG A 425 9.73 22.36 6.52
C ARG A 425 9.62 20.85 6.35
N PRO A 426 10.39 20.22 5.44
CA PRO A 426 10.26 18.79 5.14
C PRO A 426 10.18 17.88 6.38
N PHE A 427 9.35 16.84 6.27
CA PHE A 427 9.09 15.89 7.34
C PHE A 427 8.65 14.55 6.74
N LEU A 428 8.79 13.49 7.55
CA LEU A 428 8.33 12.15 7.20
C LEU A 428 7.05 11.85 7.98
N PHE A 429 6.19 11.02 7.39
CA PHE A 429 4.94 10.62 8.03
C PHE A 429 4.67 9.13 7.75
N ALA A 430 3.84 8.53 8.60
CA ALA A 430 3.32 7.20 8.43
C ALA A 430 1.97 7.10 9.15
N VAL A 431 1.05 6.32 8.58
CA VAL A 431 -0.20 5.99 9.26
C VAL A 431 -0.12 4.52 9.66
N TYR A 432 -0.41 4.24 10.94
CA TYR A 432 -0.14 2.95 11.54
C TYR A 432 -1.37 2.51 12.35
N ASP A 433 -1.73 1.22 12.20
CA ASP A 433 -2.86 0.61 12.88
C ASP A 433 -2.35 -0.50 13.79
N GLN A 434 -2.57 -0.35 15.11
CA GLN A 434 -2.10 -1.28 16.13
C GLN A 434 -2.94 -2.55 16.14
N SER A 435 -4.18 -2.47 15.62
CA SER A 435 -5.07 -3.62 15.46
C SER A 435 -4.33 -4.76 14.74
N ALA A 436 -3.79 -4.45 13.56
CA ALA A 436 -3.09 -5.41 12.71
C ALA A 436 -1.59 -5.06 12.60
N THR A 437 -1.11 -4.20 13.50
CA THR A 437 0.30 -3.77 13.56
C THR A 437 0.82 -3.49 12.14
N ALA A 438 0.06 -2.68 11.38
CA ALA A 438 0.27 -2.50 9.95
C ALA A 438 0.55 -1.02 9.62
N LEU A 439 1.61 -0.79 8.84
CA LEU A 439 1.89 0.50 8.22
C LEU A 439 1.20 0.56 6.86
N HIS A 440 0.08 1.29 6.78
CA HIS A 440 -0.69 1.43 5.56
C HIS A 440 0.02 2.36 4.57
N PHE A 441 0.73 3.37 5.10
CA PHE A 441 1.45 4.34 4.27
C PHE A 441 2.72 4.83 5.00
N LEU A 442 3.84 4.79 4.28
CA LEU A 442 5.05 5.55 4.59
C LEU A 442 5.19 6.65 3.54
N GLY A 443 5.66 7.83 3.96
CA GLY A 443 5.72 8.98 3.06
C GLY A 443 6.79 9.98 3.46
N ARG A 444 6.91 11.02 2.63
CA ARG A 444 7.88 12.10 2.78
C ARG A 444 7.33 13.33 2.09
N VAL A 445 7.35 14.48 2.77
CA VAL A 445 6.81 15.73 2.23
C VAL A 445 7.96 16.75 2.11
N ALA A 446 8.58 16.78 0.92
CA ALA A 446 9.60 17.77 0.57
C ALA A 446 8.91 19.04 0.04
N ASN A 447 7.77 18.87 -0.63
CA ASN A 447 6.94 19.95 -1.12
C ASN A 447 5.48 19.49 -1.12
N PRO A 448 4.56 20.15 -0.39
CA PRO A 448 3.17 19.68 -0.27
C PRO A 448 2.24 19.87 -1.47
N LEU A 449 2.75 20.24 -2.64
CA LEU A 449 1.91 20.44 -3.84
C LEU A 449 2.70 20.19 -5.12
N SER A 450 1.96 19.97 -6.21
CA SER A 450 2.49 19.78 -7.59
C SER A 450 1.35 19.31 -8.50
#